data_3K3O
#
_entry.id   3K3O
#
_cell.length_a   52.092
_cell.length_b   52.532
_cell.length_c   134.820
_cell.angle_alpha   90.00
_cell.angle_beta   90.00
_cell.angle_gamma   90.00
#
_symmetry.space_group_name_H-M   'P 21 21 21'
#
loop_
_entity.id
_entity.type
_entity.pdbx_description
1 polymer 'PHD finger protein 8'
2 non-polymer '2-OXOGLUTARIC ACID'
3 non-polymer 'FE (II) ION'
4 water water
#
_entity_poly.entity_id   1
_entity_poly.type   'polypeptide(L)'
_entity_poly.pdbx_seq_one_letter_code
;MTFVRELRSRTFDSSDEVILKPTGNQLTVEFLEENSFSVPILVLKKDGLGMTLPSPSFTVRDVEHYVGSDKEIDVIDVTR
QADCKMKLGDFVKYYYSGKREKVLNVISLEFSDTRLSNLVETPKIVRKLSWVENLWPEECVFERPNVQKYCLMSVRDSYT
DFHIDFGGTSVWYHVLKGEKIFYLIRPTNANLTLFECWSSSSNQNEMFFGDQVDKCYKCSVKQGQTLFIPTGWIHAVLTP
VDCLAFGGNFLHSLNIEMQLKAYEIEKRLSTADLFRFPNFETICWYVGKHILDIFRGLRENRRHPASYLVHGGKALNLAF
RAWTRKEALPDHEDEIPETVRTVQLIKDLAREIRLVEDIFQQNLEHHHHHH
;
_entity_poly.pdbx_strand_id   A
#
# COMPACT_ATOMS: atom_id res chain seq x y z
N LEU A 7 23.69 -4.35 0.86
CA LEU A 7 25.10 -4.75 0.59
C LEU A 7 25.29 -6.27 0.42
N ARG A 8 24.70 -7.06 1.32
CA ARG A 8 24.77 -8.52 1.24
C ARG A 8 23.49 -9.22 1.71
N SER A 9 23.09 -10.24 0.95
CA SER A 9 21.92 -11.06 1.26
C SER A 9 22.33 -12.32 2.01
N ARG A 10 21.61 -12.61 3.10
CA ARG A 10 22.03 -13.63 4.06
C ARG A 10 21.05 -14.82 4.14
N THR A 11 20.72 -15.23 5.36
CA THR A 11 19.90 -16.42 5.61
C THR A 11 18.51 -16.05 6.13
N PHE A 12 17.47 -16.45 5.40
CA PHE A 12 16.09 -16.08 5.75
C PHE A 12 15.15 -17.27 5.91
N ASP A 13 14.14 -17.08 6.76
CA ASP A 13 13.15 -18.13 7.06
C ASP A 13 12.32 -18.48 5.84
N SER A 14 11.87 -19.75 5.77
CA SER A 14 11.17 -20.25 4.57
C SER A 14 9.78 -19.63 4.40
N SER A 15 9.51 -19.14 3.19
CA SER A 15 8.23 -18.51 2.89
C SER A 15 7.31 -19.45 2.09
N ASP A 16 7.69 -20.72 2.02
CA ASP A 16 6.95 -21.72 1.26
C ASP A 16 5.51 -21.86 1.76
N GLU A 17 5.36 -21.80 3.08
CA GLU A 17 4.06 -21.95 3.73
C GLU A 17 3.34 -20.62 3.93
N VAL A 18 3.94 -19.55 3.43
CA VAL A 18 3.45 -18.19 3.70
C VAL A 18 3.01 -17.48 2.43
N ILE A 19 3.94 -17.23 1.51
CA ILE A 19 3.63 -16.50 0.29
C ILE A 19 2.85 -17.37 -0.69
N LEU A 20 1.74 -16.83 -1.19
CA LEU A 20 0.91 -17.52 -2.15
C LEU A 20 1.42 -17.24 -3.57
N LYS A 21 1.35 -18.23 -4.43
CA LYS A 21 1.75 -18.06 -5.83
C LYS A 21 0.67 -18.59 -6.76
N PRO A 22 -0.48 -17.87 -6.84
CA PRO A 22 -1.52 -18.29 -7.76
C PRO A 22 -1.17 -17.85 -9.17
N THR A 23 -1.85 -18.40 -10.16
CA THR A 23 -1.79 -17.87 -11.52
C THR A 23 -2.62 -16.59 -11.55
N GLY A 24 -2.42 -15.76 -12.57
CA GLY A 24 -3.14 -14.49 -12.68
C GLY A 24 -4.64 -14.63 -12.59
N ASN A 25 -5.18 -15.65 -13.26
CA ASN A 25 -6.62 -15.91 -13.30
C ASN A 25 -7.23 -16.31 -11.95
N GLN A 26 -6.44 -17.05 -11.15
CA GLN A 26 -6.84 -17.45 -9.78
C GLN A 26 -6.91 -16.27 -8.80
N LEU A 27 -6.24 -15.17 -9.13
CA LEU A 27 -6.23 -14.01 -8.24
C LEU A 27 -7.48 -13.15 -8.41
N THR A 28 -8.52 -13.51 -7.65
CA THR A 28 -9.81 -12.84 -7.72
C THR A 28 -10.22 -12.31 -6.36
N VAL A 29 -11.31 -11.56 -6.33
CA VAL A 29 -11.86 -11.03 -5.08
C VAL A 29 -12.21 -12.18 -4.11
N GLU A 30 -12.93 -13.18 -4.63
CA GLU A 30 -13.31 -14.36 -3.84
C GLU A 30 -12.10 -15.09 -3.27
N PHE A 31 -11.04 -15.20 -4.08
CA PHE A 31 -9.76 -15.77 -3.65
C PHE A 31 -9.20 -15.03 -2.44
N LEU A 32 -9.24 -13.71 -2.49
CA LEU A 32 -8.75 -12.86 -1.41
C LEU A 32 -9.68 -12.91 -0.20
N GLU A 33 -10.99 -12.86 -0.45
CA GLU A 33 -11.99 -12.98 0.62
C GLU A 33 -11.88 -14.29 1.41
N GLU A 34 -11.52 -15.37 0.72
CA GLU A 34 -11.39 -16.69 1.36
C GLU A 34 -10.17 -16.79 2.27
N ASN A 35 -9.14 -15.99 1.98
CA ASN A 35 -7.91 -15.99 2.77
C ASN A 35 -7.68 -14.69 3.59
N SER A 36 -8.53 -13.68 3.37
CA SER A 36 -8.46 -12.36 4.04
C SER A 36 -7.33 -11.42 3.60
N PHE A 37 -6.67 -11.77 2.48
CA PHE A 37 -5.50 -11.03 1.96
C PHE A 37 -4.47 -10.81 3.07
N SER A 38 -4.05 -11.92 3.70
CA SER A 38 -3.24 -11.89 4.91
C SER A 38 -1.76 -12.03 4.63
N VAL A 39 -1.41 -12.61 3.49
CA VAL A 39 -0.03 -12.93 3.14
C VAL A 39 0.36 -12.31 1.78
N PRO A 40 1.67 -12.08 1.55
CA PRO A 40 2.04 -11.56 0.23
C PRO A 40 1.73 -12.57 -0.86
N ILE A 41 1.54 -12.07 -2.07
CA ILE A 41 1.14 -12.89 -3.21
C ILE A 41 2.10 -12.60 -4.35
N LEU A 42 2.77 -13.64 -4.83
CA LEU A 42 3.67 -13.53 -5.96
C LEU A 42 3.11 -14.25 -7.19
N VAL A 43 2.82 -13.47 -8.23
CA VAL A 43 2.27 -14.01 -9.47
C VAL A 43 3.38 -14.06 -10.51
N LEU A 44 3.78 -15.28 -10.88
CA LEU A 44 4.98 -15.48 -11.68
C LEU A 44 4.87 -14.94 -13.11
N LYS A 45 3.69 -15.09 -13.72
CA LYS A 45 3.44 -14.62 -15.10
C LYS A 45 2.24 -13.68 -15.13
N LYS A 46 2.34 -12.61 -15.93
CA LYS A 46 1.38 -11.51 -15.89
C LYS A 46 0.01 -11.83 -16.49
N ASP A 47 -0.05 -12.90 -17.30
CA ASP A 47 -1.28 -13.32 -17.96
C ASP A 47 -2.39 -13.58 -16.94
N GLY A 48 -3.50 -12.85 -17.11
CA GLY A 48 -4.66 -12.98 -16.21
C GLY A 48 -4.79 -11.89 -15.16
N LEU A 49 -3.74 -11.09 -15.00
CA LEU A 49 -3.77 -9.98 -14.02
C LEU A 49 -4.49 -8.73 -14.52
N GLY A 50 -4.75 -8.67 -15.82
CA GLY A 50 -5.51 -7.57 -16.41
C GLY A 50 -4.77 -6.25 -16.52
N MET A 51 -3.44 -6.31 -16.53
CA MET A 51 -2.63 -5.11 -16.68
C MET A 51 -2.45 -4.72 -18.16
N THR A 52 -2.07 -3.48 -18.38
CA THR A 52 -1.49 -3.07 -19.65
C THR A 52 -0.13 -2.45 -19.33
N LEU A 53 0.89 -2.96 -20.01
CA LEU A 53 2.26 -2.55 -19.75
C LEU A 53 3.00 -2.30 -21.05
N PRO A 54 4.01 -1.39 -21.01
CA PRO A 54 4.90 -1.29 -22.16
C PRO A 54 5.76 -2.55 -22.28
N SER A 55 6.21 -2.85 -23.49
CA SER A 55 7.07 -4.00 -23.78
C SER A 55 8.30 -4.06 -22.86
N PRO A 56 8.84 -5.27 -22.62
CA PRO A 56 10.06 -5.39 -21.80
C PRO A 56 11.28 -4.62 -22.36
N SER A 57 11.16 -4.14 -23.59
CA SER A 57 12.20 -3.31 -24.22
C SER A 57 12.05 -1.82 -23.86
N PHE A 58 11.00 -1.49 -23.11
CA PHE A 58 10.77 -0.14 -22.58
C PHE A 58 11.81 0.17 -21.52
N THR A 59 12.49 1.31 -21.65
CA THR A 59 13.65 1.63 -20.81
C THR A 59 13.42 2.87 -19.97
N VAL A 60 14.36 3.14 -19.07
CA VAL A 60 14.38 4.37 -18.28
C VAL A 60 14.48 5.59 -19.22
N ARG A 61 15.18 5.42 -20.34
CA ARG A 61 15.28 6.48 -21.35
C ARG A 61 13.89 6.92 -21.85
N ASP A 62 12.98 5.95 -22.03
CA ASP A 62 11.59 6.22 -22.42
C ASP A 62 10.76 6.85 -21.31
N VAL A 63 11.10 6.55 -20.05
CA VAL A 63 10.44 7.19 -18.91
C VAL A 63 10.65 8.71 -18.99
N GLU A 64 11.89 9.12 -19.25
CA GLU A 64 12.23 10.53 -19.44
C GLU A 64 11.42 11.17 -20.57
N HIS A 65 11.15 10.39 -21.61
CA HIS A 65 10.39 10.86 -22.78
C HIS A 65 8.95 11.23 -22.43
N TYR A 66 8.25 10.35 -21.71
CA TYR A 66 6.84 10.59 -21.42
C TYR A 66 6.59 11.54 -20.24
N VAL A 67 7.50 11.55 -19.27
CA VAL A 67 7.35 12.38 -18.08
C VAL A 67 7.90 13.80 -18.29
N GLY A 68 9.00 13.90 -19.06
CA GLY A 68 9.64 15.20 -19.32
C GLY A 68 10.90 15.38 -18.51
N SER A 69 11.92 15.96 -19.12
CA SER A 69 13.22 16.17 -18.47
C SER A 69 13.15 17.20 -17.36
N LYS A 71 10.90 17.80 -15.12
CA LYS A 71 10.18 17.28 -13.98
C LYS A 71 11.09 17.14 -12.78
N GLU A 72 10.69 17.75 -11.67
CA GLU A 72 11.41 17.60 -10.40
C GLU A 72 10.90 16.36 -9.69
N ILE A 73 11.73 15.33 -9.66
CA ILE A 73 11.39 14.05 -9.05
C ILE A 73 12.16 13.86 -7.74
N ASP A 74 11.51 13.25 -6.76
CA ASP A 74 12.15 12.96 -5.49
C ASP A 74 13.13 11.80 -5.63
N VAL A 75 14.34 11.99 -5.12
CA VAL A 75 15.40 11.00 -5.24
C VAL A 75 15.91 10.66 -3.85
N ILE A 76 16.15 9.38 -3.61
CA ILE A 76 16.71 8.95 -2.34
C ILE A 76 18.20 8.65 -2.49
N ASP A 77 18.99 9.34 -1.68
CA ASP A 77 20.41 9.13 -1.60
C ASP A 77 20.68 8.01 -0.61
N VAL A 78 20.68 6.78 -1.12
CA VAL A 78 20.90 5.58 -0.30
C VAL A 78 22.23 5.69 0.47
N THR A 79 23.31 5.96 -0.26
CA THR A 79 24.66 6.00 0.30
C THR A 79 24.82 6.94 1.49
N ARG A 80 24.13 8.08 1.44
CA ARG A 80 24.17 9.07 2.51
C ARG A 80 22.91 9.06 3.38
N GLN A 81 22.00 8.13 3.08
CA GLN A 81 20.71 7.99 3.79
C GLN A 81 19.98 9.34 3.97
N ALA A 82 19.63 9.98 2.85
CA ALA A 82 18.99 11.30 2.86
C ALA A 82 18.15 11.52 1.60
N ASP A 83 17.16 12.41 1.70
CA ASP A 83 16.26 12.72 0.59
C ASP A 83 16.62 14.04 -0.10
N CYS A 84 16.54 14.05 -1.43
CA CYS A 84 16.84 15.24 -2.23
C CYS A 84 16.02 15.28 -3.52
N LYS A 85 16.17 16.35 -4.29
CA LYS A 85 15.44 16.52 -5.56
C LYS A 85 16.38 16.67 -6.75
N MET A 86 15.98 16.07 -7.88
CA MET A 86 16.73 16.16 -9.14
C MET A 86 15.78 16.26 -10.33
N LYS A 87 16.25 16.91 -11.40
CA LYS A 87 15.57 16.84 -12.69
C LYS A 87 15.70 15.40 -13.22
N LEU A 88 14.69 14.96 -13.96
CA LEU A 88 14.65 13.58 -14.46
C LEU A 88 15.79 13.26 -15.44
N GLY A 89 16.09 14.22 -16.32
CA GLY A 89 17.20 14.08 -17.27
C GLY A 89 18.55 13.87 -16.59
N ASP A 90 18.73 14.51 -15.44
CA ASP A 90 19.94 14.35 -14.64
C ASP A 90 20.00 12.97 -14.00
N PHE A 91 18.85 12.46 -13.55
CA PHE A 91 18.79 11.12 -12.99
C PHE A 91 19.03 10.05 -14.06
N VAL A 92 18.37 10.20 -15.20
CA VAL A 92 18.56 9.30 -16.33
C VAL A 92 20.04 9.25 -16.71
N LYS A 93 20.65 10.43 -16.82
CA LYS A 93 22.07 10.56 -17.12
C LYS A 93 22.91 9.78 -16.11
N TYR A 94 22.58 9.94 -14.83
CA TYR A 94 23.24 9.21 -13.75
C TYR A 94 23.02 7.70 -13.90
N TYR A 95 21.79 7.31 -14.23
CA TYR A 95 21.38 5.90 -14.35
C TYR A 95 22.18 5.13 -15.40
N TYR A 96 22.60 5.84 -16.46
CA TYR A 96 23.31 5.22 -17.57
C TYR A 96 24.84 5.43 -17.55
N SER A 97 25.34 5.97 -16.44
CA SER A 97 26.77 6.18 -16.26
C SER A 97 27.45 4.87 -15.86
N GLY A 98 28.58 4.57 -16.51
CA GLY A 98 29.40 3.42 -16.16
C GLY A 98 30.34 3.71 -15.01
N LYS A 99 30.14 4.86 -14.37
CA LYS A 99 30.93 5.27 -13.22
C LYS A 99 30.06 6.03 -12.19
N ARG A 100 28.95 5.43 -11.79
CA ARG A 100 28.09 6.00 -10.75
C ARG A 100 28.91 6.14 -9.48
N GLU A 101 29.01 7.38 -8.98
CA GLU A 101 29.79 7.65 -7.78
C GLU A 101 29.02 7.24 -6.52
N LYS A 102 27.70 7.41 -6.57
CA LYS A 102 26.84 7.20 -5.42
C LYS A 102 25.69 6.24 -5.79
N VAL A 103 24.91 5.83 -4.80
CA VAL A 103 23.74 4.98 -5.03
C VAL A 103 22.45 5.77 -4.84
N LEU A 104 21.79 6.07 -5.95
CA LEU A 104 20.55 6.86 -5.95
C LEU A 104 19.34 6.00 -6.33
N ASN A 105 18.21 6.27 -5.68
CA ASN A 105 17.00 5.45 -5.81
C ASN A 105 15.76 6.31 -6.04
N VAL A 106 14.98 5.99 -7.07
CA VAL A 106 13.71 6.67 -7.31
C VAL A 106 12.56 5.68 -7.07
N ILE A 107 11.75 5.98 -6.06
CA ILE A 107 10.65 5.10 -5.71
C ILE A 107 9.30 5.81 -5.62
N SER A 108 9.32 7.13 -5.75
CA SER A 108 8.14 7.95 -5.45
C SER A 108 7.61 8.75 -6.64
N LEU A 109 8.01 8.38 -7.86
CA LEU A 109 7.59 9.12 -9.06
C LEU A 109 6.18 8.68 -9.48
N GLU A 110 5.19 9.42 -8.96
CA GLU A 110 3.79 9.19 -9.30
C GLU A 110 3.49 9.84 -10.65
N PHE A 111 3.06 9.02 -11.61
CA PHE A 111 2.98 9.46 -13.02
C PHE A 111 1.57 9.50 -13.65
N SER A 112 0.52 9.41 -12.82
CA SER A 112 -0.85 9.36 -13.35
C SER A 112 -1.30 10.65 -14.06
N ASP A 113 -0.82 11.79 -13.60
CA ASP A 113 -1.13 13.08 -14.22
C ASP A 113 -0.15 13.44 -15.36
N THR A 114 0.61 12.45 -15.84
CA THR A 114 1.54 12.67 -16.96
C THR A 114 1.17 11.82 -18.17
N ARG A 115 1.92 12.01 -19.26
CA ARG A 115 1.70 11.28 -20.51
C ARG A 115 1.96 9.77 -20.40
N LEU A 116 2.86 9.39 -19.48
CA LEU A 116 3.19 7.98 -19.23
C LEU A 116 1.96 7.19 -18.77
N SER A 117 1.00 7.89 -18.18
CA SER A 117 -0.18 7.27 -17.57
C SER A 117 -1.02 6.37 -18.49
N ASN A 118 -1.09 6.67 -19.79
CA ASN A 118 -1.85 5.80 -20.69
C ASN A 118 -1.07 4.62 -21.30
N LEU A 119 0.18 4.45 -20.90
CA LEU A 119 0.95 3.27 -21.27
C LEU A 119 0.75 2.16 -20.25
N VAL A 120 0.25 2.54 -19.07
CA VAL A 120 0.14 1.62 -17.94
C VAL A 120 -1.31 1.49 -17.44
N GLU A 121 -1.76 0.24 -17.29
CA GLU A 121 -2.98 -0.07 -16.57
C GLU A 121 -2.67 -1.02 -15.42
N THR A 122 -3.23 -0.72 -14.27
CA THR A 122 -2.87 -1.41 -13.03
C THR A 122 -3.59 -2.76 -12.96
N PRO A 123 -3.14 -3.67 -12.08
CA PRO A 123 -3.84 -4.96 -12.04
C PRO A 123 -5.33 -4.80 -11.78
N LYS A 124 -6.12 -5.70 -12.36
CA LYS A 124 -7.57 -5.65 -12.30
C LYS A 124 -8.09 -5.82 -10.87
N ILE A 125 -7.44 -6.71 -10.12
CA ILE A 125 -7.80 -6.93 -8.72
C ILE A 125 -7.72 -5.64 -7.91
N VAL A 126 -6.67 -4.85 -8.16
CA VAL A 126 -6.44 -3.57 -7.49
C VAL A 126 -7.60 -2.61 -7.75
N ARG A 127 -8.02 -2.50 -9.01
CA ARG A 127 -9.08 -1.56 -9.39
C ARG A 127 -10.45 -1.96 -8.86
N LYS A 128 -10.68 -3.26 -8.75
CA LYS A 128 -11.93 -3.77 -8.15
C LYS A 128 -11.96 -3.51 -6.63
N LEU A 129 -10.82 -3.67 -5.95
CA LEU A 129 -10.76 -3.53 -4.49
C LEU A 129 -10.63 -2.08 -4.00
N SER A 130 -9.89 -1.28 -4.76
CA SER A 130 -9.44 0.04 -4.34
C SER A 130 -10.55 0.99 -3.90
N TRP A 131 -10.43 1.48 -2.67
CA TRP A 131 -11.38 2.45 -2.11
C TRP A 131 -11.43 3.75 -2.92
N VAL A 132 -10.27 4.32 -3.22
CA VAL A 132 -10.23 5.58 -3.96
C VAL A 132 -10.88 5.42 -5.32
N GLU A 133 -10.45 4.40 -6.06
CA GLU A 133 -10.99 4.10 -7.38
C GLU A 133 -12.51 3.99 -7.39
N ASN A 134 -13.08 3.35 -6.37
CA ASN A 134 -14.50 3.03 -6.40
C ASN A 134 -15.40 3.95 -5.58
N LEU A 135 -14.85 4.56 -4.54
CA LEU A 135 -15.68 5.23 -3.54
C LEU A 135 -15.34 6.71 -3.28
N TRP A 136 -14.23 7.18 -3.85
CA TRP A 136 -13.93 8.61 -3.72
C TRP A 136 -14.87 9.38 -4.66
N PRO A 137 -15.69 10.30 -4.12
CA PRO A 137 -16.71 11.01 -4.91
C PRO A 137 -16.12 12.03 -5.89
N GLU A 138 -16.74 12.13 -7.06
CA GLU A 138 -16.41 13.15 -8.06
C GLU A 138 -16.32 14.54 -7.42
N GLU A 139 -17.36 14.90 -6.67
CA GLU A 139 -17.48 16.24 -6.12
C GLU A 139 -17.32 16.25 -4.62
N CYS A 140 -16.25 16.92 -4.17
CA CYS A 140 -15.97 17.16 -2.75
C CYS A 140 -14.80 18.11 -2.63
N VAL A 141 -14.82 18.91 -1.57
CA VAL A 141 -13.81 19.96 -1.36
C VAL A 141 -12.37 19.43 -1.34
N PHE A 142 -12.21 18.15 -1.03
CA PHE A 142 -10.89 17.55 -0.83
C PHE A 142 -10.21 17.17 -2.14
N GLU A 143 -8.88 17.16 -2.12
CA GLU A 143 -8.12 16.65 -3.24
C GLU A 143 -8.09 15.12 -3.20
N ARG A 144 -8.45 14.50 -4.33
CA ARG A 144 -8.34 13.06 -4.51
C ARG A 144 -6.90 12.60 -4.27
N PRO A 145 -6.70 11.54 -3.44
CA PRO A 145 -5.36 11.00 -3.26
C PRO A 145 -4.90 10.33 -4.56
N ASN A 146 -3.70 10.63 -5.00
CA ASN A 146 -3.18 10.05 -6.25
C ASN A 146 -1.91 9.25 -5.99
N VAL A 147 -2.08 7.96 -5.71
CA VAL A 147 -0.98 7.09 -5.30
C VAL A 147 -1.09 5.73 -6.02
N GLN A 148 -1.63 5.79 -7.23
CA GLN A 148 -2.03 4.58 -7.97
C GLN A 148 -0.98 4.08 -8.97
N LYS A 149 -0.17 4.99 -9.50
CA LYS A 149 0.83 4.64 -10.50
C LYS A 149 2.21 5.24 -10.19
N TYR A 150 3.12 4.39 -9.73
CA TYR A 150 4.49 4.83 -9.47
C TYR A 150 5.45 4.16 -10.45
N CYS A 151 6.43 4.94 -10.88
CA CYS A 151 7.53 4.41 -11.66
C CYS A 151 8.75 4.31 -10.76
N LEU A 152 9.26 3.10 -10.60
CA LEU A 152 10.41 2.86 -9.75
C LEU A 152 11.64 2.58 -10.58
N MET A 153 12.70 3.33 -10.29
CA MET A 153 13.96 3.20 -10.99
C MET A 153 15.08 3.05 -9.97
N SER A 154 15.55 1.81 -9.83
CA SER A 154 16.51 1.49 -8.78
C SER A 154 17.82 0.96 -9.36
N VAL A 155 18.91 1.61 -8.97
CA VAL A 155 20.24 1.19 -9.36
C VAL A 155 20.66 -0.02 -8.51
N ARG A 156 21.63 -0.79 -9.01
CA ARG A 156 22.25 -1.90 -8.26
C ARG A 156 22.66 -1.43 -6.86
N ASP A 157 22.40 -2.29 -5.87
CA ASP A 157 22.69 -2.03 -4.44
C ASP A 157 21.82 -0.94 -3.81
N SER A 158 20.69 -0.62 -4.44
CA SER A 158 19.66 0.22 -3.81
C SER A 158 19.07 -0.52 -2.62
N TYR A 159 18.78 0.23 -1.56
CA TYR A 159 18.19 -0.36 -0.36
C TYR A 159 17.22 0.62 0.30
N THR A 160 15.98 0.16 0.51
CA THR A 160 15.03 0.89 1.33
C THR A 160 14.81 0.07 2.59
N ASP A 161 14.97 0.72 3.74
CA ASP A 161 14.90 0.03 5.03
C ASP A 161 13.47 -0.37 5.39
N PHE A 162 13.32 -1.22 6.41
CA PHE A 162 11.99 -1.68 6.87
C PHE A 162 11.01 -0.54 7.17
N HIS A 163 9.84 -0.64 6.53
CA HIS A 163 8.78 0.36 6.63
C HIS A 163 7.45 -0.34 6.46
N ILE A 164 6.40 0.34 6.88
CA ILE A 164 5.02 0.02 6.52
C ILE A 164 4.57 1.11 5.54
N ASP A 165 3.90 0.71 4.46
CA ASP A 165 3.51 1.70 3.43
C ASP A 165 2.49 2.67 4.00
N PHE A 166 2.58 3.92 3.55
CA PHE A 166 1.76 5.01 4.04
C PHE A 166 0.28 4.68 4.03
N GLY A 167 -0.41 5.20 5.03
CA GLY A 167 -1.84 5.01 5.22
C GLY A 167 -2.30 3.59 5.40
N GLY A 168 -1.40 2.68 5.75
CA GLY A 168 -1.75 1.26 5.80
C GLY A 168 -2.13 0.67 4.45
N THR A 169 -1.66 1.27 3.36
CA THR A 169 -1.98 0.77 2.02
C THR A 169 -1.42 -0.61 1.75
N SER A 170 -2.08 -1.31 0.84
CA SER A 170 -1.53 -2.48 0.22
C SER A 170 -0.85 -2.02 -1.07
N VAL A 171 -0.02 -2.86 -1.66
CA VAL A 171 0.78 -2.43 -2.80
C VAL A 171 0.94 -3.57 -3.80
N TRP A 172 1.06 -3.21 -5.06
CA TRP A 172 1.46 -4.13 -6.11
C TRP A 172 2.72 -3.60 -6.77
N TYR A 173 3.58 -4.51 -7.19
CA TYR A 173 4.79 -4.15 -7.91
C TYR A 173 4.97 -5.12 -9.07
N HIS A 174 5.14 -4.57 -10.26
CA HIS A 174 5.53 -5.36 -11.41
C HIS A 174 6.94 -4.95 -11.84
N VAL A 175 7.85 -5.92 -11.89
CA VAL A 175 9.20 -5.64 -12.34
C VAL A 175 9.31 -5.84 -13.86
N LEU A 176 9.55 -4.75 -14.57
CA LEU A 176 9.67 -4.83 -16.02
C LEU A 176 11.09 -5.27 -16.41
N LYS A 177 12.07 -4.74 -15.70
CA LYS A 177 13.46 -5.07 -15.92
C LYS A 177 14.22 -5.21 -14.58
N GLY A 178 15.07 -6.21 -14.52
CA GLY A 178 15.97 -6.37 -13.38
C GLY A 178 15.37 -7.22 -12.29
N GLU A 179 15.68 -6.87 -11.05
CA GLU A 179 15.24 -7.64 -9.90
C GLU A 179 15.09 -6.78 -8.66
N LYS A 180 14.11 -7.14 -7.84
CA LYS A 180 14.01 -6.60 -6.49
C LYS A 180 13.86 -7.75 -5.52
N ILE A 181 14.45 -7.59 -4.33
CA ILE A 181 14.29 -8.57 -3.27
C ILE A 181 13.61 -7.90 -2.08
N PHE A 182 12.44 -8.41 -1.74
CA PHE A 182 11.69 -7.89 -0.62
C PHE A 182 11.96 -8.75 0.60
N TYR A 183 12.17 -8.07 1.74
CA TYR A 183 12.29 -8.74 3.02
C TYR A 183 11.03 -8.43 3.79
N LEU A 184 10.26 -9.48 4.10
CA LEU A 184 8.88 -9.33 4.56
C LEU A 184 8.65 -9.87 5.97
N ILE A 185 8.02 -9.03 6.80
CA ILE A 185 7.74 -9.37 8.19
C ILE A 185 6.24 -9.21 8.44
N ARG A 186 5.61 -10.26 8.96
CA ARG A 186 4.16 -10.27 9.22
C ARG A 186 3.80 -9.29 10.34
N PRO A 187 2.71 -8.51 10.16
CA PRO A 187 2.36 -7.50 11.15
C PRO A 187 1.55 -8.04 12.34
N THR A 188 2.10 -9.03 13.03
CA THR A 188 1.51 -9.47 14.31
C THR A 188 1.62 -8.32 15.31
N ASN A 189 0.83 -8.37 16.38
CA ASN A 189 0.92 -7.37 17.44
C ASN A 189 2.35 -7.24 17.98
N ALA A 190 3.01 -8.38 18.20
CA ALA A 190 4.41 -8.41 18.63
C ALA A 190 5.35 -7.69 17.66
N ASN A 191 5.27 -8.05 16.37
CA ASN A 191 6.11 -7.42 15.36
C ASN A 191 5.84 -5.93 15.20
N LEU A 192 4.55 -5.55 15.29
CA LEU A 192 4.15 -4.14 15.25
C LEU A 192 4.69 -3.34 16.43
N THR A 193 4.66 -3.94 17.62
CA THR A 193 5.23 -3.33 18.82
C THR A 193 6.75 -3.13 18.64
N LEU A 194 7.44 -4.20 18.24
CA LEU A 194 8.87 -4.16 17.97
C LEU A 194 9.22 -3.12 16.89
N PHE A 195 8.37 -3.03 15.87
CA PHE A 195 8.59 -2.06 14.77
C PHE A 195 8.46 -0.62 15.24
N GLU A 196 7.40 -0.32 15.99
CA GLU A 196 7.19 1.03 16.51
C GLU A 196 8.35 1.41 17.43
N CYS A 197 8.76 0.45 18.25
CA CYS A 197 9.92 0.58 19.14
C CYS A 197 11.20 0.89 18.33
N TRP A 198 11.44 0.08 17.30
CA TRP A 198 12.57 0.25 16.39
C TRP A 198 12.51 1.58 15.62
N SER A 199 11.32 1.97 15.19
CA SER A 199 11.15 3.14 14.32
C SER A 199 11.34 4.48 15.08
N SER A 200 10.91 4.53 16.34
CA SER A 200 11.06 5.74 17.15
C SER A 200 12.33 5.74 18.00
N SER A 201 13.19 4.76 17.76
CA SER A 201 14.48 4.66 18.44
C SER A 201 15.47 5.63 17.82
N SER A 202 16.41 6.11 18.64
CA SER A 202 17.59 6.82 18.16
C SER A 202 18.59 5.80 17.60
N ASN A 203 19.31 6.18 16.54
CA ASN A 203 20.18 5.26 15.79
C ASN A 203 19.42 4.05 15.26
N GLN A 204 18.18 4.29 14.87
CA GLN A 204 17.30 3.28 14.26
C GLN A 204 17.93 2.66 13.02
N ASN A 205 18.65 3.48 12.26
CA ASN A 205 19.31 3.06 11.02
C ASN A 205 20.71 2.45 11.21
N GLU A 206 20.96 1.86 12.38
CA GLU A 206 22.18 1.08 12.63
C GLU A 206 21.84 -0.39 12.84
N MET A 207 20.57 -0.65 13.15
CA MET A 207 20.07 -1.97 13.51
C MET A 207 19.20 -2.57 12.40
N PHE A 208 19.51 -3.81 12.00
CA PHE A 208 18.72 -4.53 10.99
C PHE A 208 17.49 -5.17 11.64
N PHE A 209 16.32 -4.62 11.33
CA PHE A 209 15.08 -5.01 12.00
C PHE A 209 14.74 -6.50 11.87
N GLY A 210 15.19 -7.13 10.77
CA GLY A 210 14.97 -8.56 10.56
C GLY A 210 15.62 -9.46 11.59
N ASP A 211 16.54 -8.90 12.37
CA ASP A 211 17.18 -9.61 13.50
C ASP A 211 16.26 -9.69 14.71
N GLN A 212 15.39 -8.69 14.85
CA GLN A 212 14.59 -8.51 16.05
C GLN A 212 13.35 -9.39 16.11
N VAL A 213 12.98 -9.97 14.97
CA VAL A 213 11.69 -10.64 14.85
C VAL A 213 11.75 -12.15 14.72
N ASP A 214 10.65 -12.78 15.11
CA ASP A 214 10.41 -14.22 14.99
C ASP A 214 10.80 -14.76 13.62
N LYS A 215 10.22 -14.16 12.58
CA LYS A 215 10.41 -14.62 11.22
C LYS A 215 10.55 -13.45 10.25
N CYS A 216 11.53 -13.55 9.35
CA CYS A 216 11.69 -12.61 8.26
C CYS A 216 11.81 -13.42 6.97
N TYR A 217 10.93 -13.13 6.02
CA TYR A 217 10.91 -13.84 4.75
C TYR A 217 11.58 -12.99 3.65
N LYS A 218 12.22 -13.66 2.70
CA LYS A 218 12.77 -12.95 1.55
C LYS A 218 12.07 -13.41 0.27
N CYS A 219 11.67 -12.44 -0.54
CA CYS A 219 10.96 -12.73 -1.79
C CYS A 219 11.58 -11.94 -2.92
N SER A 220 12.19 -12.67 -3.85
CA SER A 220 12.72 -12.06 -5.07
C SER A 220 11.60 -11.83 -6.08
N VAL A 221 11.62 -10.68 -6.74
CA VAL A 221 10.67 -10.36 -7.80
C VAL A 221 11.48 -10.05 -9.07
N LYS A 222 11.41 -10.98 -10.02
CA LYS A 222 12.19 -10.91 -11.25
C LYS A 222 11.37 -10.36 -12.41
N GLN A 223 12.00 -10.23 -13.57
CA GLN A 223 11.33 -9.73 -14.78
C GLN A 223 10.01 -10.42 -15.04
N GLY A 224 8.96 -9.62 -15.21
CA GLY A 224 7.64 -10.12 -15.58
C GLY A 224 6.81 -10.61 -14.42
N GLN A 225 7.39 -10.60 -13.21
CA GLN A 225 6.70 -11.07 -12.00
C GLN A 225 6.03 -9.92 -11.26
N THR A 226 4.96 -10.25 -10.53
CA THR A 226 4.16 -9.24 -9.86
C THR A 226 3.93 -9.64 -8.40
N LEU A 227 4.34 -8.77 -7.49
CA LEU A 227 4.14 -9.01 -6.06
C LEU A 227 3.06 -8.09 -5.48
N PHE A 228 2.15 -8.68 -4.71
CA PHE A 228 1.13 -7.94 -3.97
C PHE A 228 1.43 -8.08 -2.47
N ILE A 229 1.65 -6.96 -1.81
CA ILE A 229 1.92 -6.94 -0.38
C ILE A 229 0.68 -6.43 0.34
N PRO A 230 0.16 -7.21 1.32
CA PRO A 230 -1.02 -6.79 2.05
C PRO A 230 -0.74 -5.72 3.09
N THR A 231 -1.82 -5.13 3.59
CA THR A 231 -1.87 -4.18 4.68
C THR A 231 -0.93 -4.47 5.85
N GLY A 232 -0.07 -3.51 6.16
CA GLY A 232 0.70 -3.51 7.43
C GLY A 232 2.00 -4.29 7.42
N TRP A 233 2.15 -5.14 6.43
CA TRP A 233 3.36 -5.96 6.27
C TRP A 233 4.60 -5.07 6.21
N ILE A 234 5.51 -5.32 7.14
CA ILE A 234 6.75 -4.57 7.28
C ILE A 234 7.73 -5.11 6.25
N HIS A 235 8.28 -4.24 5.42
CA HIS A 235 9.13 -4.69 4.33
C HIS A 235 10.31 -3.78 4.07
N ALA A 236 11.45 -4.40 3.75
CA ALA A 236 12.62 -3.72 3.24
C ALA A 236 12.87 -4.23 1.82
N VAL A 237 13.63 -3.47 1.04
CA VAL A 237 13.87 -3.84 -0.36
C VAL A 237 15.32 -3.65 -0.78
N LEU A 238 15.92 -4.72 -1.32
CA LEU A 238 17.24 -4.63 -1.94
C LEU A 238 17.10 -4.80 -3.45
N THR A 239 17.86 -4.01 -4.19
CA THR A 239 17.90 -4.12 -5.65
C THR A 239 19.26 -4.66 -6.08
N PRO A 240 19.36 -5.98 -6.32
CA PRO A 240 20.66 -6.59 -6.64
C PRO A 240 21.15 -6.33 -8.08
N VAL A 241 20.21 -6.00 -8.97
CA VAL A 241 20.54 -5.62 -10.37
C VAL A 241 19.66 -4.44 -10.77
N ASP A 242 20.23 -3.50 -11.54
CA ASP A 242 19.48 -2.33 -12.02
C ASP A 242 18.05 -2.71 -12.40
N CYS A 243 17.10 -1.99 -11.81
CA CYS A 243 15.69 -2.35 -11.91
C CYS A 243 14.81 -1.21 -12.40
N LEU A 244 13.77 -1.58 -13.15
CA LEU A 244 12.69 -0.68 -13.54
C LEU A 244 11.39 -1.40 -13.24
N ALA A 245 10.54 -0.74 -12.46
CA ALA A 245 9.32 -1.38 -12.01
C ALA A 245 8.18 -0.38 -11.98
N PHE A 246 6.96 -0.92 -12.00
CA PHE A 246 5.77 -0.12 -11.82
C PHE A 246 5.02 -0.66 -10.63
N GLY A 247 4.33 0.21 -9.91
CA GLY A 247 3.57 -0.22 -8.74
C GLY A 247 2.56 0.84 -8.34
N GLY A 248 1.80 0.55 -7.29
CA GLY A 248 0.78 1.48 -6.82
C GLY A 248 0.24 1.08 -5.46
N ASN A 249 -0.44 2.02 -4.80
CA ASN A 249 -0.92 1.80 -3.44
C ASN A 249 -2.43 1.92 -3.37
N PHE A 250 -3.06 1.11 -2.53
CA PHE A 250 -4.52 1.08 -2.49
C PHE A 250 -5.05 0.65 -1.13
N LEU A 251 -6.23 1.15 -0.80
CA LEU A 251 -6.90 0.75 0.41
C LEU A 251 -8.02 -0.17 -0.03
N HIS A 252 -8.50 -1.03 0.86
CA HIS A 252 -9.59 -1.94 0.53
C HIS A 252 -10.30 -2.41 1.81
N SER A 253 -11.36 -3.21 1.65
CA SER A 253 -12.24 -3.54 2.77
C SER A 253 -11.95 -4.86 3.50
N LEU A 254 -10.93 -5.58 3.04
CA LEU A 254 -10.66 -6.95 3.51
C LEU A 254 -10.07 -7.04 4.92
N ASN A 255 -9.29 -6.04 5.31
CA ASN A 255 -8.81 -5.99 6.70
C ASN A 255 -8.71 -4.57 7.24
N ILE A 256 -9.87 -3.96 7.46
CA ILE A 256 -9.97 -2.54 7.82
C ILE A 256 -9.25 -2.23 9.13
N GLU A 257 -9.35 -3.13 10.12
CA GLU A 257 -8.67 -2.95 11.40
C GLU A 257 -7.16 -2.79 11.22
N MET A 258 -6.54 -3.66 10.42
CA MET A 258 -5.12 -3.53 10.08
C MET A 258 -4.75 -2.19 9.39
N GLN A 259 -5.61 -1.71 8.49
CA GLN A 259 -5.38 -0.40 7.84
C GLN A 259 -5.37 0.72 8.87
N LEU A 260 -6.37 0.70 9.76
CA LEU A 260 -6.43 1.67 10.84
C LEU A 260 -5.24 1.55 11.79
N LYS A 261 -4.85 0.32 12.12
CA LYS A 261 -3.68 0.10 12.96
C LYS A 261 -2.41 0.67 12.36
N ALA A 262 -2.21 0.43 11.07
CA ALA A 262 -1.05 0.99 10.37
C ALA A 262 -1.08 2.51 10.40
N TYR A 263 -2.27 3.06 10.16
CA TYR A 263 -2.46 4.51 10.21
C TYR A 263 -2.20 5.14 11.59
N GLU A 264 -2.69 4.48 12.65
CA GLU A 264 -2.43 4.94 14.02
C GLU A 264 -0.95 4.83 14.46
N ILE A 265 -0.18 3.97 13.79
CA ILE A 265 1.26 3.81 14.05
C ILE A 265 2.02 4.97 13.43
N GLU A 266 1.66 5.26 12.19
CA GLU A 266 2.13 6.40 11.42
C GLU A 266 1.86 7.74 12.13
N LYS A 267 0.78 7.76 12.92
CA LYS A 267 0.41 8.92 13.72
C LYS A 267 1.30 9.05 14.97
N ARG A 268 1.53 7.94 15.66
CA ARG A 268 2.34 7.93 16.88
C ARG A 268 3.83 8.15 16.59
N LEU A 269 4.25 7.88 15.36
CA LEU A 269 5.60 8.23 14.93
C LEU A 269 5.59 9.66 14.40
N SER A 270 5.36 9.82 13.10
CA SER A 270 5.21 11.15 12.49
C SER A 270 4.85 11.04 11.00
N PHE A 275 4.83 11.07 2.44
CA PHE A 275 5.09 10.24 3.61
C PHE A 275 3.80 9.62 4.19
N ARG A 276 2.67 10.29 3.98
CA ARG A 276 1.39 9.80 4.48
C ARG A 276 0.30 9.85 3.43
N PHE A 277 -0.62 8.89 3.49
CA PHE A 277 -1.74 8.83 2.56
C PHE A 277 -2.63 10.04 2.82
N PRO A 278 -2.71 10.97 1.85
CA PRO A 278 -3.45 12.22 2.05
C PRO A 278 -4.95 11.95 2.14
N ASN A 279 -5.60 12.59 3.11
CA ASN A 279 -7.04 12.42 3.35
C ASN A 279 -7.48 10.98 3.61
N PHE A 280 -6.62 10.23 4.30
CA PHE A 280 -6.96 8.87 4.76
C PHE A 280 -8.29 8.85 5.54
N GLU A 281 -8.45 9.76 6.50
CA GLU A 281 -9.67 9.72 7.34
C GLU A 281 -10.93 10.07 6.54
N THR A 282 -10.78 11.00 5.60
CA THR A 282 -11.84 11.35 4.66
C THR A 282 -12.37 10.17 3.88
N ILE A 283 -11.48 9.39 3.27
CA ILE A 283 -11.95 8.22 2.52
C ILE A 283 -12.59 7.21 3.50
N CYS A 284 -12.05 7.04 4.72
CA CYS A 284 -12.70 6.16 5.73
C CYS A 284 -14.15 6.55 6.01
N TRP A 285 -14.39 7.85 6.20
CA TRP A 285 -15.75 8.36 6.42
C TRP A 285 -16.71 7.98 5.27
N TYR A 286 -16.27 8.18 4.03
CA TYR A 286 -17.03 7.78 2.83
C TYR A 286 -17.22 6.28 2.75
N VAL A 287 -16.18 5.53 3.09
CA VAL A 287 -16.30 4.07 3.15
C VAL A 287 -17.31 3.63 4.24
N GLY A 288 -17.33 4.35 5.36
CA GLY A 288 -18.29 4.10 6.43
C GLY A 288 -19.74 4.20 5.96
N LYS A 289 -20.07 5.32 5.31
CA LYS A 289 -21.39 5.52 4.68
C LYS A 289 -21.74 4.37 3.73
N HIS A 290 -20.79 3.99 2.88
CA HIS A 290 -20.97 2.88 1.92
C HIS A 290 -21.22 1.54 2.60
N ILE A 291 -20.43 1.25 3.64
CA ILE A 291 -20.57 0.01 4.38
C ILE A 291 -21.94 -0.06 5.06
N LEU A 292 -22.39 1.06 5.62
CA LEU A 292 -23.73 1.17 6.19
C LEU A 292 -24.83 0.80 5.18
N ASP A 293 -24.71 1.31 3.95
CA ASP A 293 -25.63 0.95 2.86
C ASP A 293 -25.59 -0.54 2.52
N ILE A 294 -24.39 -1.12 2.54
CA ILE A 294 -24.18 -2.53 2.24
C ILE A 294 -24.91 -3.40 3.28
N PHE A 295 -24.72 -3.07 4.56
CA PHE A 295 -25.43 -3.70 5.67
C PHE A 295 -26.95 -3.56 5.55
N ARG A 296 -27.41 -2.34 5.25
CA ARG A 296 -28.82 -2.04 5.07
C ARG A 296 -29.45 -2.87 3.94
N GLY A 297 -28.75 -2.91 2.81
CA GLY A 297 -29.19 -3.67 1.64
C GLY A 297 -29.27 -5.16 1.88
N LEU A 298 -28.31 -5.69 2.64
CA LEU A 298 -28.24 -7.12 2.92
C LEU A 298 -29.34 -7.58 3.88
N ARG A 299 -29.59 -6.76 4.91
CA ARG A 299 -30.62 -7.08 5.89
C ARG A 299 -32.00 -7.07 5.23
N GLU A 300 -32.27 -6.03 4.43
CA GLU A 300 -33.53 -5.93 3.71
C GLU A 300 -33.71 -7.06 2.69
N ASN A 301 -32.58 -7.53 2.14
CA ASN A 301 -32.57 -8.71 1.27
C ASN A 301 -32.51 -10.03 2.02
N ARG A 302 -32.58 -9.98 3.36
CA ARG A 302 -32.49 -11.16 4.23
C ARG A 302 -31.22 -12.00 4.02
N ARG A 303 -30.10 -11.32 3.75
CA ARG A 303 -28.80 -11.98 3.68
C ARG A 303 -27.89 -11.46 4.79
N HIS A 304 -26.88 -12.23 5.14
CA HIS A 304 -25.87 -11.81 6.12
C HIS A 304 -24.58 -11.35 5.44
N PRO A 305 -23.97 -10.27 5.97
CA PRO A 305 -22.68 -9.82 5.44
C PRO A 305 -21.57 -10.81 5.76
N ALA A 306 -20.51 -10.81 4.95
CA ALA A 306 -19.33 -11.63 5.23
C ALA A 306 -18.67 -11.17 6.55
N SER A 307 -18.06 -12.12 7.24
CA SER A 307 -17.47 -11.89 8.57
C SER A 307 -16.44 -10.76 8.62
N TYR A 308 -15.63 -10.63 7.57
CA TYR A 308 -14.57 -9.62 7.54
C TYR A 308 -15.16 -8.21 7.48
N LEU A 309 -16.36 -8.10 6.91
CA LEU A 309 -17.02 -6.81 6.75
C LEU A 309 -17.65 -6.37 8.07
N VAL A 310 -18.19 -7.34 8.82
CA VAL A 310 -18.71 -7.06 10.15
C VAL A 310 -17.58 -6.58 11.04
N HIS A 311 -16.48 -7.32 11.04
CA HIS A 311 -15.29 -6.98 11.82
C HIS A 311 -14.71 -5.63 11.39
N GLY A 312 -14.68 -5.40 10.07
CA GLY A 312 -14.16 -4.16 9.54
C GLY A 312 -14.99 -2.95 9.89
N GLY A 313 -16.31 -3.07 9.76
CA GLY A 313 -17.23 -2.01 10.14
C GLY A 313 -17.13 -1.69 11.63
N LYS A 314 -16.94 -2.72 12.45
CA LYS A 314 -16.75 -2.54 13.89
C LYS A 314 -15.50 -1.70 14.16
N ALA A 315 -14.39 -2.08 13.54
CA ALA A 315 -13.13 -1.37 13.75
C ALA A 315 -13.24 0.07 13.23
N LEU A 316 -13.92 0.23 12.09
CA LEU A 316 -14.13 1.54 11.50
C LEU A 316 -14.98 2.39 12.44
N ASN A 317 -16.02 1.81 13.02
CA ASN A 317 -16.85 2.56 13.95
C ASN A 317 -16.14 2.98 15.26
N LEU A 318 -15.22 2.14 15.73
CA LEU A 318 -14.34 2.51 16.83
C LEU A 318 -13.47 3.72 16.50
N ALA A 319 -12.91 3.76 15.29
CA ALA A 319 -12.07 4.90 14.89
C ALA A 319 -12.92 6.17 14.76
N PHE A 320 -14.12 6.03 14.18
CA PHE A 320 -15.05 7.15 14.05
C PHE A 320 -15.35 7.82 15.39
N ARG A 321 -15.56 6.99 16.42
CA ARG A 321 -15.81 7.49 17.77
C ARG A 321 -14.57 8.16 18.36
N ALA A 322 -13.41 7.55 18.15
CA ALA A 322 -12.15 8.11 18.68
C ALA A 322 -11.83 9.47 18.04
N TRP A 323 -12.08 9.59 16.74
CA TRP A 323 -11.77 10.82 16.01
C TRP A 323 -12.72 11.97 16.35
N THR A 324 -13.92 11.64 16.81
CA THR A 324 -14.93 12.67 17.03
C THR A 324 -15.21 12.97 18.48
N ARG A 325 -14.56 12.25 19.41
CA ARG A 325 -14.74 12.61 20.81
C ARG A 325 -14.11 13.98 21.06
N LYS A 326 -14.60 14.62 22.13
CA LYS A 326 -14.36 16.04 22.37
C LYS A 326 -12.88 16.44 22.36
N GLU A 327 -12.06 15.68 23.07
CA GLU A 327 -10.63 15.98 23.22
C GLU A 327 -9.83 15.83 21.92
N ALA A 328 -10.37 15.06 20.97
CA ALA A 328 -9.64 14.72 19.74
C ALA A 328 -10.13 15.49 18.51
N LEU A 329 -11.34 16.01 18.57
CA LEU A 329 -12.03 16.62 17.43
C LEU A 329 -11.24 17.69 16.64
N PRO A 330 -10.57 18.64 17.35
CA PRO A 330 -9.78 19.67 16.63
C PRO A 330 -8.75 19.08 15.66
N ASP A 331 -8.26 17.89 15.99
CA ASP A 331 -7.24 17.21 15.19
C ASP A 331 -7.83 16.42 14.01
N HIS A 332 -9.14 16.25 14.00
CA HIS A 332 -9.81 15.39 13.02
C HIS A 332 -10.94 16.04 12.21
N GLU A 333 -11.49 17.14 12.73
CA GLU A 333 -12.65 17.81 12.11
C GLU A 333 -12.43 18.22 10.64
N ASP A 334 -11.22 18.68 10.31
CA ASP A 334 -10.90 19.16 8.96
C ASP A 334 -11.00 18.08 7.89
N GLU A 335 -10.99 16.82 8.32
CA GLU A 335 -11.02 15.71 7.39
C GLU A 335 -12.41 15.14 7.14
N ILE A 336 -13.37 15.52 7.97
CA ILE A 336 -14.74 15.00 7.87
C ILE A 336 -15.48 15.72 6.74
N PRO A 337 -16.00 14.95 5.78
CA PRO A 337 -16.73 15.56 4.67
C PRO A 337 -18.00 16.22 5.20
N GLU A 338 -18.38 17.34 4.60
CA GLU A 338 -19.58 18.09 4.99
C GLU A 338 -20.89 17.33 4.79
N THR A 339 -20.87 16.37 3.85
CA THR A 339 -22.01 15.51 3.56
C THR A 339 -22.15 14.32 4.53
N VAL A 340 -21.28 14.25 5.53
CA VAL A 340 -21.35 13.17 6.53
C VAL A 340 -21.87 13.69 7.87
N ARG A 341 -23.00 13.12 8.30
CA ARG A 341 -23.54 13.39 9.63
C ARG A 341 -22.94 12.37 10.59
N THR A 342 -21.77 12.74 11.10
CA THR A 342 -20.96 11.93 12.01
C THR A 342 -21.70 11.12 13.07
N VAL A 343 -22.53 11.79 13.87
CA VAL A 343 -23.26 11.13 14.97
C VAL A 343 -24.26 10.13 14.42
N GLN A 344 -24.95 10.52 13.35
CA GLN A 344 -25.96 9.68 12.72
C GLN A 344 -25.32 8.43 12.11
N LEU A 345 -24.16 8.59 11.46
CA LEU A 345 -23.47 7.46 10.84
C LEU A 345 -22.97 6.47 11.89
N ILE A 346 -22.35 6.98 12.94
CA ILE A 346 -21.89 6.16 14.06
C ILE A 346 -23.05 5.37 14.64
N LYS A 347 -24.16 6.06 14.93
CA LYS A 347 -25.36 5.41 15.46
C LYS A 347 -25.91 4.33 14.54
N ASP A 348 -26.02 4.64 13.25
CA ASP A 348 -26.56 3.71 12.25
C ASP A 348 -25.67 2.49 12.01
N LEU A 349 -24.37 2.71 11.86
CA LEU A 349 -23.42 1.59 11.69
C LEU A 349 -23.49 0.62 12.87
N ALA A 350 -23.53 1.19 14.08
CA ALA A 350 -23.65 0.43 15.31
C ALA A 350 -24.92 -0.41 15.38
N ARG A 351 -26.05 0.17 14.95
CA ARG A 351 -27.33 -0.56 14.97
C ARG A 351 -27.32 -1.73 13.99
N GLU A 352 -26.81 -1.51 12.78
CA GLU A 352 -26.70 -2.56 11.79
C GLU A 352 -25.82 -3.71 12.25
N ILE A 353 -24.70 -3.39 12.90
CA ILE A 353 -23.76 -4.39 13.37
C ILE A 353 -24.36 -5.22 14.51
N ARG A 354 -25.04 -4.54 15.44
CA ARG A 354 -25.71 -5.19 16.56
C ARG A 354 -26.81 -6.15 16.10
N LEU A 355 -27.53 -5.77 15.04
CA LEU A 355 -28.59 -6.60 14.45
C LEU A 355 -28.07 -7.91 13.84
N VAL A 356 -26.89 -7.85 13.24
CA VAL A 356 -26.25 -9.04 12.65
C VAL A 356 -25.77 -9.98 13.74
N GLU A 357 -25.28 -9.41 14.84
CA GLU A 357 -24.68 -10.21 15.88
C GLU A 357 -25.57 -10.67 17.05
N ASP A 358 -26.67 -9.94 17.30
CA ASP A 358 -27.56 -10.30 18.43
C ASP A 358 -28.29 -11.61 18.14
N ILE A 359 -28.07 -12.58 19.02
CA ILE A 359 -28.59 -13.93 18.82
C ILE A 359 -30.12 -14.05 18.88
N PHE A 360 -30.80 -13.03 19.38
CA PHE A 360 -32.27 -13.01 19.44
C PHE A 360 -32.92 -12.16 18.35
N GLN A 361 -32.09 -11.51 17.53
CA GLN A 361 -32.51 -10.61 16.43
C GLN A 361 -33.27 -9.37 16.92
#